data_7S3A
#
_entry.id   7S3A
#
_cell.length_a   43.245
_cell.length_b   63.022
_cell.length_c   77.491
_cell.angle_alpha   90.000
_cell.angle_beta   90.000
_cell.angle_gamma   90.000
#
_symmetry.space_group_name_H-M   'P 21 21 21'
#
loop_
_entity.id
_entity.type
_entity.pdbx_description
1 polymer 'Splicing factor U2AF 65 kDa subunit'
2 polymer "DNA/RNA (5'-R(P*UP*UP*(UD)P*CP*U)-D(P*(BRU))-R(P*CP*C)-3')"
3 non-polymer 'SODIUM ION'
4 water water
#
loop_
_entity_poly.entity_id
_entity_poly.type
_entity_poly.pdbx_seq_one_letter_code
_entity_poly.pdbx_strand_id
1 'polypeptide(L)'
;GPLGSQMTRQARRLYVGNIPFGITEEAMMDFFNAQMRLGGLTQAPGNPVLAVQINQDKNFAFLEFRSVDETTQAMAFDGI
IFQGQSLKIRRPHDYQPLPGMSENPSVYVPGVVSTVVPDSAHKLFIGGLPNYLNDDQVKELLTSFGPLKAFNLVKDSATG
LSKGYAFCEYVDINVTDQAIAGLNGMQLGDKKLLVQRASVGAKN
;
A
2 'polydeoxyribonucleotide/polyribonucleotide hybrid' UU(DU)CU(BRU)CC B
#
loop_
_chem_comp.id
_chem_comp.type
_chem_comp.name
_chem_comp.formula
BRU DNA linking 5-BROMO-2'-DEOXYURIDINE-5'-MONOPHOSPHATE 'C9 H12 Br N2 O8 P'
C RNA linking CYTIDINE-5'-MONOPHOSPHATE 'C9 H14 N3 O8 P'
DU DNA linking 2'-DEOXYURIDINE-5'-MONOPHOSPHATE 'C9 H13 N2 O8 P'
NA non-polymer 'SODIUM ION' 'Na 1'
U RNA linking URIDINE-5'-MONOPHOSPHATE 'C9 H13 N2 O9 P'
#
# COMPACT_ATOMS: atom_id res chain seq x y z
N SER A 5 25.50 -3.67 -11.55
CA SER A 5 26.11 -4.95 -11.21
C SER A 5 25.07 -6.06 -11.19
N GLN A 6 25.47 -7.24 -11.65
CA GLN A 6 24.54 -8.37 -11.75
C GLN A 6 24.30 -9.04 -10.41
N MET A 7 25.29 -9.00 -9.51
CA MET A 7 25.14 -9.67 -8.22
C MET A 7 24.10 -8.98 -7.35
N THR A 8 23.96 -7.66 -7.48
CA THR A 8 23.05 -6.92 -6.61
C THR A 8 21.69 -6.66 -7.24
N ARG A 9 21.45 -7.11 -8.47
CA ARG A 9 20.18 -6.79 -9.13
CA ARG A 9 20.18 -6.80 -9.13
C ARG A 9 18.99 -7.25 -8.30
N GLN A 10 19.08 -8.44 -7.69
CA GLN A 10 17.99 -8.94 -6.88
C GLN A 10 17.69 -8.03 -5.70
N ALA A 11 18.69 -7.31 -5.22
CA ALA A 11 18.58 -6.35 -4.13
C ALA A 11 18.35 -4.93 -4.62
N ARG A 12 18.05 -4.75 -5.91
CA ARG A 12 17.79 -3.43 -6.48
C ARG A 12 16.44 -3.40 -7.18
N ARG A 13 15.54 -4.33 -6.88
CA ARG A 13 14.25 -4.36 -7.54
C ARG A 13 13.14 -4.53 -6.53
N LEU A 14 12.01 -3.90 -6.80
CA LEU A 14 10.85 -4.04 -5.92
C LEU A 14 9.61 -4.36 -6.76
N TYR A 15 8.76 -5.22 -6.18
CA TYR A 15 7.42 -5.47 -6.69
C TYR A 15 6.51 -4.32 -6.25
N VAL A 16 5.64 -3.87 -7.15
CA VAL A 16 4.62 -2.89 -6.87
C VAL A 16 3.28 -3.47 -7.34
N GLY A 17 2.36 -3.68 -6.41
CA GLY A 17 1.07 -4.22 -6.73
C GLY A 17 -0.04 -3.18 -6.61
N ASN A 18 -1.21 -3.57 -7.10
CA ASN A 18 -2.39 -2.73 -7.02
C ASN A 18 -2.20 -1.42 -7.80
N ILE A 19 -1.53 -1.51 -8.94
CA ILE A 19 -1.22 -0.29 -9.70
C ILE A 19 -2.44 0.23 -10.45
N PRO A 20 -2.49 1.53 -10.75
CA PRO A 20 -3.63 2.08 -11.48
C PRO A 20 -3.74 1.51 -12.86
N PHE A 21 -4.99 1.31 -13.29
CA PHE A 21 -5.23 0.85 -14.64
C PHE A 21 -4.67 1.84 -15.65
N GLY A 22 -4.03 1.31 -16.68
CA GLY A 22 -3.58 2.11 -17.80
C GLY A 22 -2.31 2.89 -17.55
N ILE A 23 -1.70 2.76 -16.39
CA ILE A 23 -0.51 3.54 -16.09
C ILE A 23 0.62 3.12 -17.02
N THR A 24 1.43 4.09 -17.42
CA THR A 24 2.59 3.82 -18.23
C THR A 24 3.83 3.66 -17.36
N GLU A 25 4.83 2.97 -17.93
CA GLU A 25 6.10 2.79 -17.23
C GLU A 25 6.76 4.14 -16.93
N GLU A 26 6.68 5.09 -17.87
CA GLU A 26 7.25 6.42 -17.65
C GLU A 26 6.52 7.16 -16.52
N ALA A 27 5.19 7.09 -16.47
CA ALA A 27 4.47 7.77 -15.42
C ALA A 27 4.82 7.19 -14.06
N MET A 28 4.96 5.87 -13.98
CA MET A 28 5.35 5.26 -12.72
CA MET A 28 5.33 5.28 -12.71
C MET A 28 6.75 5.67 -12.31
N MET A 29 7.69 5.68 -13.27
CA MET A 29 9.06 6.08 -12.98
C MET A 29 9.10 7.51 -12.47
N ASP A 30 8.39 8.41 -13.13
CA ASP A 30 8.42 9.80 -12.71
C ASP A 30 7.86 9.96 -11.30
N PHE A 31 6.76 9.25 -11.02
CA PHE A 31 6.16 9.30 -9.70
C PHE A 31 7.18 8.91 -8.62
N PHE A 32 7.81 7.74 -8.76
CA PHE A 32 8.74 7.28 -7.75
C PHE A 32 9.99 8.15 -7.67
N ASN A 33 10.52 8.59 -8.81
CA ASN A 33 11.70 9.47 -8.75
C ASN A 33 11.36 10.75 -7.99
N ALA A 34 10.20 11.33 -8.25
CA ALA A 34 9.81 12.55 -7.57
C ALA A 34 9.58 12.31 -6.09
N GLN A 35 8.83 11.26 -5.74
CA GLN A 35 8.55 11.01 -4.33
C GLN A 35 9.85 10.74 -3.55
N MET A 36 10.79 9.99 -4.15
CA MET A 36 12.07 9.75 -3.50
CA MET A 36 12.04 9.75 -3.45
C MET A 36 12.78 11.05 -3.17
N ARG A 37 12.79 11.99 -4.13
CA ARG A 37 13.48 13.26 -3.93
C ARG A 37 12.73 14.14 -2.93
N LEU A 38 11.42 14.25 -3.08
CA LEU A 38 10.65 15.13 -2.20
C LEU A 38 10.70 14.63 -0.77
N GLY A 39 10.81 13.30 -0.60
CA GLY A 39 10.86 12.70 0.73
C GLY A 39 12.22 12.68 1.37
N GLY A 40 13.24 13.11 0.64
CA GLY A 40 14.58 13.08 1.19
C GLY A 40 15.21 11.70 1.19
N LEU A 41 14.68 10.77 0.41
CA LEU A 41 15.25 9.43 0.34
C LEU A 41 16.36 9.27 -0.70
N THR A 42 16.41 10.14 -1.72
CA THR A 42 17.41 9.96 -2.77
C THR A 42 18.78 10.37 -2.27
N GLN A 43 19.78 9.53 -2.57
CA GLN A 43 21.09 9.64 -1.95
C GLN A 43 22.17 10.22 -2.87
N ALA A 44 21.79 10.73 -4.05
CA ALA A 44 22.75 11.29 -4.99
C ALA A 44 22.00 12.10 -6.06
N PRO A 45 22.72 12.92 -6.83
CA PRO A 45 22.11 13.57 -8.01
C PRO A 45 21.60 12.52 -8.98
N GLY A 46 20.58 12.89 -9.77
CA GLY A 46 20.04 11.99 -10.75
C GLY A 46 19.02 11.01 -10.19
N ASN A 47 18.43 10.24 -11.09
CA ASN A 47 17.25 9.43 -10.78
C ASN A 47 17.62 8.15 -10.04
N PRO A 48 16.99 7.86 -8.92
CA PRO A 48 17.23 6.55 -8.28
C PRO A 48 16.56 5.39 -8.99
N VAL A 49 15.43 5.61 -9.67
CA VAL A 49 14.74 4.55 -10.39
C VAL A 49 15.23 4.57 -11.83
N LEU A 50 15.81 3.44 -12.26
CA LEU A 50 16.33 3.30 -13.60
C LEU A 50 15.31 2.81 -14.61
N ALA A 51 14.41 1.92 -14.18
CA ALA A 51 13.47 1.31 -15.11
C ALA A 51 12.27 0.80 -14.34
N VAL A 52 11.18 0.65 -15.07
CA VAL A 52 9.94 0.06 -14.57
C VAL A 52 9.42 -0.88 -15.63
N GLN A 53 9.06 -2.09 -15.22
CA GLN A 53 8.44 -3.07 -16.11
C GLN A 53 7.03 -3.33 -15.59
N ILE A 54 6.04 -3.05 -16.42
CA ILE A 54 4.64 -3.22 -16.04
C ILE A 54 4.07 -4.44 -16.73
N ASN A 55 3.38 -5.29 -15.95
CA ASN A 55 2.53 -6.33 -16.51
C ASN A 55 1.10 -5.83 -16.43
N GLN A 56 0.60 -5.31 -17.55
CA GLN A 56 -0.73 -4.70 -17.55
C GLN A 56 -1.81 -5.73 -17.28
N ASP A 57 -1.72 -6.90 -17.90
CA ASP A 57 -2.73 -7.93 -17.74
C ASP A 57 -2.86 -8.36 -16.28
N LYS A 58 -1.73 -8.45 -15.58
CA LYS A 58 -1.70 -8.97 -14.22
C LYS A 58 -1.68 -7.88 -13.15
N ASN A 59 -1.52 -6.59 -13.51
CA ASN A 59 -1.75 -5.49 -12.56
C ASN A 59 -0.62 -5.30 -11.57
N PHE A 60 0.63 -5.46 -12.03
CA PHE A 60 1.77 -5.27 -11.15
C PHE A 60 2.92 -4.72 -11.96
N ALA A 61 3.90 -4.16 -11.24
CA ALA A 61 5.12 -3.62 -11.86
C ALA A 61 6.32 -4.08 -11.05
N PHE A 62 7.47 -4.05 -11.67
CA PHE A 62 8.73 -4.15 -10.96
C PHE A 62 9.56 -2.90 -11.24
N LEU A 63 10.04 -2.28 -10.18
CA LEU A 63 10.93 -1.14 -10.28
C LEU A 63 12.36 -1.64 -10.17
N GLU A 64 13.27 -1.02 -10.91
CA GLU A 64 14.69 -1.29 -10.76
C GLU A 64 15.41 0.01 -10.40
N PHE A 65 16.17 -0.05 -9.32
CA PHE A 65 16.88 1.11 -8.78
C PHE A 65 18.38 1.01 -9.09
N ARG A 66 19.05 2.15 -8.99
CA ARG A 66 20.48 2.19 -9.24
C ARG A 66 21.32 1.73 -8.06
N SER A 67 20.75 1.65 -6.87
CA SER A 67 21.53 1.28 -5.69
C SER A 67 20.70 0.40 -4.76
N VAL A 68 21.43 -0.44 -4.02
CA VAL A 68 20.81 -1.30 -3.00
C VAL A 68 20.14 -0.45 -1.92
N ASP A 69 20.84 0.58 -1.43
CA ASP A 69 20.32 1.37 -0.31
C ASP A 69 19.07 2.16 -0.70
N GLU A 70 19.04 2.74 -1.91
CA GLU A 70 17.84 3.46 -2.32
C GLU A 70 16.65 2.52 -2.49
N THR A 71 16.89 1.29 -2.96
CA THR A 71 15.83 0.28 -3.03
C THR A 71 15.24 0.01 -1.66
N THR A 72 16.11 -0.17 -0.66
CA THR A 72 15.64 -0.41 0.69
C THR A 72 14.83 0.75 1.21
N GLN A 73 15.31 1.98 0.97
CA GLN A 73 14.58 3.14 1.45
C GLN A 73 13.18 3.20 0.84
N ALA A 74 13.06 2.82 -0.43
CA ALA A 74 11.79 2.91 -1.14
C ALA A 74 10.72 1.96 -0.57
N MET A 75 11.12 0.95 0.21
CA MET A 75 10.14 0.13 0.90
C MET A 75 9.24 0.97 1.81
N ALA A 76 9.71 2.14 2.24
CA ALA A 76 8.92 3.01 3.09
C ALA A 76 7.71 3.58 2.36
N PHE A 77 7.65 3.48 1.04
CA PHE A 77 6.49 3.97 0.30
C PHE A 77 5.34 2.98 0.26
N ASP A 78 5.46 1.81 0.88
CA ASP A 78 4.35 0.88 0.87
C ASP A 78 3.06 1.54 1.34
N GLY A 79 2.01 1.47 0.51
CA GLY A 79 0.71 2.07 0.78
C GLY A 79 0.51 3.45 0.19
N ILE A 80 1.54 4.04 -0.41
CA ILE A 80 1.39 5.38 -0.96
C ILE A 80 0.24 5.38 -1.96
N ILE A 81 -0.53 6.45 -1.95
CA ILE A 81 -1.66 6.59 -2.87
C ILE A 81 -1.17 7.14 -4.20
N PHE A 82 -1.50 6.45 -5.28
CA PHE A 82 -1.16 6.88 -6.62
C PHE A 82 -2.42 6.70 -7.47
N GLN A 83 -2.97 7.81 -7.96
CA GLN A 83 -4.20 7.77 -8.74
C GLN A 83 -5.30 6.99 -8.01
N GLY A 84 -5.41 7.26 -6.71
CA GLY A 84 -6.47 6.72 -5.90
C GLY A 84 -6.19 5.36 -5.30
N GLN A 85 -5.08 4.70 -5.67
CA GLN A 85 -4.81 3.34 -5.26
C GLN A 85 -3.64 3.27 -4.28
N SER A 86 -3.78 2.40 -3.29
CA SER A 86 -2.73 2.15 -2.30
CA SER A 86 -2.71 2.16 -2.31
C SER A 86 -1.72 1.18 -2.91
N LEU A 87 -0.56 1.68 -3.33
CA LEU A 87 0.44 0.81 -3.94
C LEU A 87 1.01 -0.15 -2.92
N LYS A 88 1.08 -1.43 -3.27
CA LYS A 88 1.67 -2.45 -2.40
C LYS A 88 3.12 -2.63 -2.82
N ILE A 89 4.07 -2.28 -1.96
CA ILE A 89 5.49 -2.37 -2.28
CA ILE A 89 5.50 -2.36 -2.27
C ILE A 89 6.07 -3.54 -1.50
N ARG A 90 6.72 -4.44 -2.21
CA ARG A 90 7.24 -5.66 -1.63
C ARG A 90 8.58 -6.02 -2.22
N ARG A 91 9.34 -6.80 -1.48
CA ARG A 91 10.54 -7.40 -2.07
C ARG A 91 10.13 -8.47 -3.09
N PRO A 92 10.93 -8.65 -4.15
CA PRO A 92 10.76 -9.85 -4.97
C PRO A 92 10.89 -11.11 -4.11
N HIS A 93 10.16 -12.15 -4.49
CA HIS A 93 10.15 -13.32 -3.61
C HIS A 93 11.50 -14.02 -3.52
N ASP A 94 12.37 -13.84 -4.50
CA ASP A 94 13.71 -14.43 -4.46
C ASP A 94 14.78 -13.52 -3.83
N TYR A 95 14.37 -12.40 -3.25
CA TYR A 95 15.32 -11.49 -2.65
C TYR A 95 16.03 -12.11 -1.48
N GLN A 96 17.34 -11.88 -1.42
CA GLN A 96 18.23 -12.39 -0.37
C GLN A 96 18.99 -11.20 0.17
N PRO A 97 18.81 -10.85 1.46
CA PRO A 97 19.61 -9.75 2.02
C PRO A 97 21.10 -10.01 1.84
N LEU A 98 21.83 -8.95 1.49
CA LEU A 98 23.27 -9.03 1.25
C LEU A 98 24.04 -8.78 2.54
N PRO A 99 25.27 -9.29 2.63
CA PRO A 99 26.07 -9.05 3.85
C PRO A 99 26.40 -7.57 4.01
N GLY A 100 26.22 -7.07 5.23
CA GLY A 100 26.55 -5.70 5.55
C GLY A 100 25.60 -4.66 5.02
N MET A 101 24.49 -5.06 4.41
CA MET A 101 23.55 -4.11 3.85
C MET A 101 22.19 -4.27 4.50
N SER A 102 21.54 -3.13 4.76
CA SER A 102 20.30 -3.11 5.51
C SER A 102 19.15 -3.72 4.72
N GLU A 103 18.19 -4.27 5.45
CA GLU A 103 17.02 -4.91 4.86
C GLU A 103 15.76 -4.07 4.95
N ASN A 104 15.70 -3.16 5.92
CA ASN A 104 14.48 -2.40 6.20
C ASN A 104 14.74 -0.91 6.07
N PRO A 105 13.73 -0.15 5.65
CA PRO A 105 13.94 1.29 5.42
C PRO A 105 14.16 2.04 6.72
N SER A 106 14.89 3.16 6.61
CA SER A 106 15.28 3.96 7.76
C SER A 106 14.55 5.29 7.85
N VAL A 107 13.83 5.70 6.80
CA VAL A 107 13.20 7.01 6.74
C VAL A 107 11.70 6.83 6.58
N TYR A 108 10.94 7.50 7.43
CA TYR A 108 9.49 7.48 7.37
C TYR A 108 9.03 8.53 6.38
N VAL A 109 7.96 8.21 5.66
CA VAL A 109 7.36 9.09 4.67
C VAL A 109 6.03 9.58 5.26
N PRO A 110 5.91 10.86 5.59
CA PRO A 110 4.70 11.33 6.28
C PRO A 110 3.45 11.06 5.47
N GLY A 111 2.43 10.56 6.16
CA GLY A 111 1.15 10.35 5.57
C GLY A 111 0.99 9.05 4.84
N VAL A 112 2.05 8.27 4.69
CA VAL A 112 1.96 7.01 3.98
C VAL A 112 1.58 5.94 5.00
N VAL A 113 0.55 5.20 4.67
CA VAL A 113 -0.01 4.16 5.53
C VAL A 113 0.26 2.79 4.90
N SER A 114 0.96 1.94 5.64
CA SER A 114 1.32 0.60 5.18
C SER A 114 0.10 -0.19 4.73
N THR A 115 0.31 -1.10 3.79
CA THR A 115 -0.71 -2.03 3.34
C THR A 115 -0.64 -3.37 4.06
N VAL A 116 0.30 -3.54 4.99
CA VAL A 116 0.50 -4.78 5.71
C VAL A 116 -0.22 -4.66 7.04
N VAL A 117 -1.30 -5.44 7.18
CA VAL A 117 -2.18 -5.37 8.32
C VAL A 117 -2.14 -6.74 9.00
N PRO A 118 -1.19 -6.98 9.91
CA PRO A 118 -1.11 -8.33 10.49
C PRO A 118 -2.29 -8.59 11.39
N ASP A 119 -2.69 -9.84 11.45
CA ASP A 119 -3.68 -10.24 12.45
C ASP A 119 -3.14 -9.82 13.80
N SER A 120 -4.00 -9.21 14.61
CA SER A 120 -3.60 -8.65 15.89
C SER A 120 -4.85 -8.33 16.68
N ALA A 121 -4.65 -7.93 17.94
CA ALA A 121 -5.76 -7.70 18.85
C ALA A 121 -6.77 -6.72 18.29
N HIS A 122 -6.30 -5.61 17.71
CA HIS A 122 -7.18 -4.52 17.34
C HIS A 122 -7.29 -4.32 15.82
N LYS A 123 -6.81 -5.27 15.05
CA LYS A 123 -7.10 -5.23 13.62
C LYS A 123 -8.60 -5.21 13.39
N LEU A 124 -9.06 -4.32 12.51
CA LEU A 124 -10.47 -4.16 12.21
C LEU A 124 -10.80 -4.75 10.86
N PHE A 125 -11.98 -5.34 10.76
CA PHE A 125 -12.67 -5.67 9.52
C PHE A 125 -13.76 -4.64 9.28
N ILE A 126 -13.87 -4.20 8.04
CA ILE A 126 -14.92 -3.27 7.58
C ILE A 126 -15.57 -3.92 6.36
N GLY A 127 -16.79 -4.43 6.53
CA GLY A 127 -17.48 -5.08 5.44
C GLY A 127 -18.68 -4.28 4.99
N GLY A 128 -19.12 -4.48 3.76
CA GLY A 128 -20.28 -3.77 3.24
C GLY A 128 -19.98 -2.44 2.61
N LEU A 129 -18.73 -2.17 2.27
CA LEU A 129 -18.38 -0.93 1.61
C LEU A 129 -18.92 -0.88 0.18
N PRO A 130 -19.48 0.26 -0.25
CA PRO A 130 -19.83 0.42 -1.66
C PRO A 130 -18.62 0.17 -2.53
N ASN A 131 -18.82 -0.57 -3.64
CA ASN A 131 -17.68 -1.01 -4.45
CA ASN A 131 -17.68 -1.00 -4.43
C ASN A 131 -17.11 0.09 -5.31
N TYR A 132 -17.78 1.24 -5.42
CA TYR A 132 -17.26 2.35 -6.19
C TYR A 132 -16.21 3.17 -5.44
N LEU A 133 -16.06 2.92 -4.15
CA LEU A 133 -15.08 3.66 -3.35
C LEU A 133 -13.70 3.09 -3.62
N ASN A 134 -12.78 3.96 -4.02
CA ASN A 134 -11.39 3.54 -4.19
C ASN A 134 -10.64 3.46 -2.87
N ASP A 135 -9.37 3.00 -2.93
CA ASP A 135 -8.57 2.87 -1.72
C ASP A 135 -8.49 4.20 -0.99
N ASP A 136 -8.27 5.30 -1.72
CA ASP A 136 -8.13 6.59 -1.08
C ASP A 136 -9.38 7.01 -0.31
N GLN A 137 -10.55 6.78 -0.88
CA GLN A 137 -11.78 7.21 -0.24
C GLN A 137 -12.08 6.35 0.99
N VAL A 138 -11.80 5.05 0.91
CA VAL A 138 -12.00 4.22 2.08
C VAL A 138 -11.02 4.62 3.17
N LYS A 139 -9.78 4.92 2.80
CA LYS A 139 -8.82 5.41 3.79
C LYS A 139 -9.32 6.68 4.45
N GLU A 140 -9.91 7.59 3.69
CA GLU A 140 -10.39 8.83 4.28
C GLU A 140 -11.54 8.57 5.25
N LEU A 141 -12.44 7.66 4.90
CA LEU A 141 -13.52 7.30 5.78
C LEU A 141 -12.97 6.88 7.15
N LEU A 142 -11.94 6.05 7.13
CA LEU A 142 -11.38 5.52 8.37
C LEU A 142 -10.54 6.56 9.10
N THR A 143 -9.79 7.37 8.37
CA THR A 143 -8.91 8.32 9.03
CA THR A 143 -8.91 8.36 8.97
C THR A 143 -9.69 9.45 9.68
N SER A 144 -10.98 9.57 9.38
CA SER A 144 -11.80 10.53 10.12
C SER A 144 -11.72 10.27 11.61
N PHE A 145 -11.63 9.00 12.02
CA PHE A 145 -11.58 8.65 13.44
C PHE A 145 -10.19 8.82 14.06
N GLY A 146 -9.15 8.68 13.29
CA GLY A 146 -7.80 8.89 13.76
C GLY A 146 -6.81 8.34 12.73
N PRO A 147 -5.52 8.61 12.92
CA PRO A 147 -4.55 8.17 11.93
C PRO A 147 -4.38 6.67 11.92
N LEU A 148 -4.18 6.13 10.71
CA LEU A 148 -4.00 4.71 10.51
C LEU A 148 -2.53 4.33 10.57
N LYS A 149 -2.29 3.15 11.14
CA LYS A 149 -1.00 2.48 11.03
C LYS A 149 -0.93 1.58 9.80
N ALA A 150 -2.04 0.97 9.41
CA ALA A 150 -2.06 0.09 8.26
C ALA A 150 -3.48 -0.06 7.75
N PHE A 151 -3.61 -0.35 6.45
CA PHE A 151 -4.92 -0.44 5.80
C PHE A 151 -4.80 -1.20 4.49
N ASN A 152 -5.77 -2.08 4.21
CA ASN A 152 -5.86 -2.68 2.87
C ASN A 152 -7.32 -2.88 2.49
N LEU A 153 -7.67 -2.36 1.31
CA LEU A 153 -8.96 -2.65 0.69
C LEU A 153 -8.79 -3.87 -0.22
N VAL A 154 -9.67 -4.85 -0.09
CA VAL A 154 -9.56 -6.10 -0.85
C VAL A 154 -10.21 -5.94 -2.20
N LYS A 155 -9.49 -6.30 -3.24
CA LYS A 155 -9.93 -6.21 -4.62
C LYS A 155 -10.00 -7.59 -5.25
N ASP A 156 -10.79 -7.68 -6.32
CA ASP A 156 -10.76 -8.86 -7.19
C ASP A 156 -9.53 -8.78 -8.05
N SER A 157 -8.69 -9.80 -7.98
CA SER A 157 -7.41 -9.72 -8.69
CA SER A 157 -7.41 -9.75 -8.69
C SER A 157 -7.61 -9.72 -10.20
N ALA A 158 -8.67 -10.35 -10.69
CA ALA A 158 -8.85 -10.45 -12.13
C ALA A 158 -9.39 -9.16 -12.74
N THR A 159 -10.24 -8.44 -12.02
CA THR A 159 -10.88 -7.24 -12.55
C THR A 159 -10.38 -5.94 -11.94
N GLY A 160 -9.74 -5.99 -10.78
CA GLY A 160 -9.34 -4.80 -10.08
C GLY A 160 -10.45 -4.12 -9.32
N LEU A 161 -11.65 -4.68 -9.32
CA LEU A 161 -12.77 -4.05 -8.65
CA LEU A 161 -12.78 -4.05 -8.66
C LEU A 161 -12.76 -4.36 -7.16
N SER A 162 -13.17 -3.39 -6.37
CA SER A 162 -13.25 -3.58 -4.94
C SER A 162 -14.24 -4.69 -4.63
N LYS A 163 -13.87 -5.54 -3.67
CA LYS A 163 -14.75 -6.58 -3.17
C LYS A 163 -15.64 -6.05 -2.05
N GLY A 164 -15.49 -4.77 -1.67
CA GLY A 164 -16.39 -4.17 -0.71
C GLY A 164 -16.08 -4.47 0.74
N TYR A 165 -14.83 -4.83 1.05
CA TYR A 165 -14.43 -4.96 2.44
C TYR A 165 -12.95 -4.64 2.54
N ALA A 166 -12.54 -4.24 3.75
CA ALA A 166 -11.19 -3.77 4.00
C ALA A 166 -10.81 -4.16 5.42
N PHE A 167 -9.51 -4.05 5.70
CA PHE A 167 -8.96 -4.23 7.04
C PHE A 167 -8.08 -3.05 7.40
N CYS A 168 -7.97 -2.77 8.70
CA CYS A 168 -7.10 -1.68 9.10
C CYS A 168 -6.68 -1.84 10.55
N GLU A 169 -5.71 -1.01 10.91
CA GLU A 169 -5.21 -0.89 12.27
C GLU A 169 -4.92 0.59 12.51
N TYR A 170 -5.47 1.12 13.58
CA TYR A 170 -5.23 2.51 13.97
C TYR A 170 -3.89 2.64 14.71
N VAL A 171 -3.26 3.80 14.56
CA VAL A 171 -2.07 4.10 15.35
C VAL A 171 -2.37 3.95 16.83
N ASP A 172 -3.46 4.56 17.28
CA ASP A 172 -3.94 4.47 18.65
C ASP A 172 -4.98 3.37 18.73
N ILE A 173 -4.67 2.30 19.46
CA ILE A 173 -5.60 1.19 19.57
C ILE A 173 -6.96 1.64 20.13
N ASN A 174 -6.98 2.73 20.92
CA ASN A 174 -8.21 3.20 21.51
C ASN A 174 -9.16 3.83 20.50
N VAL A 175 -8.68 4.14 19.30
CA VAL A 175 -9.56 4.64 18.26
C VAL A 175 -10.43 3.52 17.72
N THR A 176 -9.99 2.26 17.84
CA THR A 176 -10.71 1.13 17.26
C THR A 176 -12.17 1.15 17.66
N ASP A 177 -12.45 1.27 18.95
CA ASP A 177 -13.83 1.23 19.41
C ASP A 177 -14.61 2.45 18.97
N GLN A 178 -13.92 3.57 18.73
CA GLN A 178 -14.58 4.77 18.23
C GLN A 178 -15.02 4.58 16.78
N ALA A 179 -14.20 3.95 15.98
CA ALA A 179 -14.59 3.64 14.59
C ALA A 179 -15.73 2.65 14.56
N ILE A 180 -15.67 1.61 15.38
CA ILE A 180 -16.79 0.66 15.47
C ILE A 180 -18.08 1.40 15.80
N ALA A 181 -18.05 2.24 16.83
CA ALA A 181 -19.27 2.93 17.23
C ALA A 181 -19.78 3.84 16.12
N GLY A 182 -18.87 4.47 15.37
CA GLY A 182 -19.28 5.43 14.34
C GLY A 182 -19.71 4.79 13.04
N LEU A 183 -19.30 3.54 12.78
CA LEU A 183 -19.52 2.92 11.47
C LEU A 183 -20.34 1.64 11.50
N ASN A 184 -20.26 0.85 12.55
CA ASN A 184 -20.93 -0.44 12.53
C ASN A 184 -22.43 -0.25 12.37
N GLY A 185 -23.01 -1.03 11.46
CA GLY A 185 -24.45 -0.99 11.22
C GLY A 185 -24.89 0.12 10.29
N MET A 186 -23.98 0.94 9.79
CA MET A 186 -24.39 2.03 8.92
CA MET A 186 -24.35 2.04 8.90
C MET A 186 -25.00 1.49 7.64
N GLN A 187 -26.16 2.04 7.27
CA GLN A 187 -26.91 1.57 6.12
C GLN A 187 -26.62 2.41 4.89
N LEU A 188 -26.32 1.74 3.77
CA LEU A 188 -26.00 2.39 2.51
C LEU A 188 -26.78 1.64 1.42
N GLY A 189 -28.01 2.05 1.18
CA GLY A 189 -28.82 1.36 0.21
C GLY A 189 -29.01 -0.08 0.62
N ASP A 190 -28.52 -1.00 -0.24
CA ASP A 190 -28.66 -2.42 0.03
C ASP A 190 -27.57 -2.96 0.95
N LYS A 191 -26.63 -2.13 1.38
CA LYS A 191 -25.50 -2.58 2.18
C LYS A 191 -25.62 -2.03 3.59
N LYS A 192 -25.12 -2.82 4.55
CA LYS A 192 -25.09 -2.41 5.95
C LYS A 192 -23.70 -2.73 6.46
N LEU A 193 -22.97 -1.71 6.90
CA LEU A 193 -21.58 -1.96 7.26
C LEU A 193 -21.51 -2.89 8.46
N LEU A 194 -20.55 -3.80 8.43
CA LEU A 194 -20.16 -4.60 9.58
C LEU A 194 -18.74 -4.18 9.93
N VAL A 195 -18.57 -3.59 11.10
CA VAL A 195 -17.27 -3.09 11.55
C VAL A 195 -17.02 -3.69 12.93
N GLN A 196 -16.00 -4.52 13.03
CA GLN A 196 -15.70 -5.27 14.24
C GLN A 196 -14.24 -5.71 14.13
N ARG A 197 -13.66 -6.06 15.27
CA ARG A 197 -12.33 -6.64 15.21
C ARG A 197 -12.35 -7.86 14.29
N ALA A 198 -11.31 -7.95 13.45
CA ALA A 198 -11.29 -8.99 12.41
C ALA A 198 -11.24 -10.39 12.99
N SER A 199 -10.76 -10.52 14.23
CA SER A 199 -10.72 -11.84 14.86
C SER A 199 -12.11 -12.38 15.11
N VAL A 200 -13.12 -11.50 15.18
CA VAL A 200 -14.46 -11.97 15.55
C VAL A 200 -15.06 -12.84 14.46
N GLY A 201 -14.87 -12.46 13.19
CA GLY A 201 -15.48 -13.17 12.08
C GLY A 201 -14.53 -13.83 11.11
N ALA A 202 -13.27 -13.96 11.49
CA ALA A 202 -12.29 -14.58 10.59
C ALA A 202 -12.64 -16.05 10.39
N LYS A 203 -12.45 -16.53 9.17
CA LYS A 203 -12.79 -17.93 8.84
C LYS A 203 -11.77 -18.88 9.45
N1 BRU B 6 5.72 -11.10 -6.49
C2 BRU B 6 6.89 -10.75 -5.82
N3 BRU B 6 6.78 -10.20 -4.58
C4 BRU B 6 5.61 -10.05 -3.96
C5 BRU B 6 4.37 -10.40 -4.67
C6 BRU B 6 4.51 -10.91 -5.94
O2 BRU B 6 8.00 -11.02 -6.33
O4 BRU B 6 5.57 -9.64 -2.78
BR BRU B 6 2.63 -10.31 -3.84
C1' BRU B 6 5.78 -11.65 -7.84
C2' BRU B 6 5.33 -13.07 -7.99
C3' BRU B 6 4.75 -13.14 -9.37
C4' BRU B 6 4.20 -11.75 -9.59
O3' BRU B 6 5.85 -13.35 -10.25
O4' BRU B 6 4.90 -10.87 -8.67
C5' BRU B 6 2.69 -11.66 -9.36
O5' BRU B 6 2.35 -12.42 -8.22
P BRU B 6 1.00 -13.28 -8.12
OP1 BRU B 6 0.75 -13.96 -9.46
OP2 BRU B 6 1.03 -14.10 -6.88
H6 BRU B 6 3.72 -11.16 -6.43
H1' BRU B 6 6.73 -11.67 -8.07
H2' BRU B 6 4.64 -13.28 -7.32
H2'' BRU B 6 6.10 -13.68 -7.90
H3' BRU B 6 4.07 -13.83 -9.47
H4' BRU B 6 4.39 -11.45 -10.48
H5' BRU B 6 2.43 -10.73 -9.22
H5'' BRU B 6 2.22 -12.02 -10.13
NA NA C . -4.53 -8.88 -11.40
NA NA D . -5.92 -3.58 -8.36
NA NA E . 2.32 -12.36 -3.64
#